data_4FTM
#
_entry.id   4FTM
#
_cell.length_a   45.022
_cell.length_b   65.957
_cell.length_c   58.139
_cell.angle_alpha   90.000
_cell.angle_beta   94.670
_cell.angle_gamma   90.000
#
_symmetry.space_group_name_H-M   'P 1 21 1'
#
loop_
_entity.id
_entity.type
_entity.pdbx_description
1 polymer 'Serine/threonine-protein kinase Chk1'
2 non-polymer 4-[2-(2,4-dihydroindeno[1,2-c]pyrazol-3-yl)ethyl]-2-methoxyphenol
3 non-polymer 'SULFATE ION'
4 non-polymer GLYCEROL
5 non-polymer 'ISOPROPYL ALCOHOL'
6 water water
#
_entity_poly.entity_id   1
_entity_poly.type   'polypeptide(L)'
_entity_poly.pdbx_seq_one_letter_code
;AVPFVEDWDLVQTLGEGAYGEVQLAVNRVTEEAVAVKIVDMKRAVDCPENIKKEICINKMLNHENVVKFYGHRREGNIQY
LFLEYCSGGELFDRIEPDIGMPEPDAQRFFHQLMAGVVYLHGIGITHRDIKPENLLLDERDNLKISDFGLATVFRYNNRE
RLLNKMCGTLPYVAPELLKRREFHAEPVDVWSCGIVLTAMLAGELPWDQPSDSCQEYSDWKEKKTYLNPWKKIDSAPLAL
LHKILVENPSARITIPDIKKDRWYNKPLKKGAKRPRVTS
;
_entity_poly.pdbx_strand_id   A
#
loop_
_chem_comp.id
_chem_comp.type
_chem_comp.name
_chem_comp.formula
1HK non-polymer 4-[2-(2,4-dihydroindeno[1,2-c]pyrazol-3-yl)ethyl]-2-methoxyphenol 'C19 H18 N2 O2'
GOL non-polymer GLYCEROL 'C3 H8 O3'
IPA non-polymer 'ISOPROPYL ALCOHOL' 'C3 H8 O'
SO4 non-polymer 'SULFATE ION' 'O4 S -2'
#
# COMPACT_ATOMS: atom_id res chain seq x y z
N VAL A 2 9.76 34.45 -13.42
CA VAL A 2 8.88 35.02 -12.40
C VAL A 2 9.64 35.03 -11.05
N PRO A 3 9.97 36.18 -10.42
CA PRO A 3 10.71 36.11 -9.15
C PRO A 3 9.97 35.41 -8.01
N PHE A 4 10.73 34.74 -7.11
CA PHE A 4 10.26 34.07 -5.88
C PHE A 4 9.46 32.76 -6.14
N VAL A 5 9.25 32.35 -7.40
CA VAL A 5 8.49 31.14 -7.75
C VAL A 5 9.21 29.86 -7.24
N GLU A 6 10.52 29.96 -6.94
CA GLU A 6 11.32 28.84 -6.43
C GLU A 6 11.33 28.76 -4.89
N ASP A 7 10.68 29.71 -4.16
CA ASP A 7 10.68 29.72 -2.70
C ASP A 7 9.47 29.02 -2.12
N TRP A 8 9.71 28.15 -1.14
CA TRP A 8 8.67 27.37 -0.45
C TRP A 8 8.80 27.57 1.04
N ASP A 9 7.69 27.83 1.74
CA ASP A 9 7.68 27.94 3.21
C ASP A 9 7.30 26.56 3.80
N LEU A 10 8.06 26.02 4.76
CA LEU A 10 7.70 24.78 5.46
C LEU A 10 6.73 25.17 6.57
N VAL A 11 5.45 24.75 6.48
CA VAL A 11 4.40 25.22 7.41
C VAL A 11 3.96 24.17 8.47
N GLN A 12 4.16 22.84 8.25
CA GLN A 12 3.81 21.83 9.27
C GLN A 12 4.47 20.45 8.99
N THR A 13 4.67 19.68 10.06
CA THR A 13 5.26 18.35 9.99
C THR A 13 4.14 17.35 9.68
N LEU A 14 4.30 16.61 8.58
CA LEU A 14 3.33 15.59 8.17
C LEU A 14 3.74 14.22 8.71
N GLY A 15 5.04 13.93 8.69
CA GLY A 15 5.61 12.68 9.19
C GLY A 15 6.99 12.86 9.78
N GLU A 21 12.45 13.45 8.07
CA GLU A 21 11.07 13.90 8.28
C GLU A 21 10.45 14.39 6.97
N VAL A 22 9.11 14.48 6.94
CA VAL A 22 8.34 14.96 5.79
C VAL A 22 7.65 16.25 6.23
N GLN A 23 7.86 17.36 5.48
CA GLN A 23 7.25 18.65 5.77
C GLN A 23 6.30 19.11 4.67
N LEU A 24 5.20 19.77 5.05
CA LEU A 24 4.26 20.36 4.08
C LEU A 24 4.88 21.70 3.66
N ALA A 25 5.19 21.85 2.36
CA ALA A 25 5.77 23.07 1.81
C ALA A 25 4.75 23.81 0.96
N VAL A 26 4.63 25.13 1.17
CA VAL A 26 3.69 25.98 0.44
C VAL A 26 4.51 26.99 -0.37
N ASN A 27 4.25 27.08 -1.68
CA ASN A 27 4.99 28.00 -2.55
C ASN A 27 4.61 29.44 -2.24
N ARG A 28 5.63 30.30 -2.10
CA ARG A 28 5.50 31.72 -1.76
C ARG A 28 4.63 32.50 -2.78
N VAL A 29 4.68 32.11 -4.06
CA VAL A 29 3.95 32.82 -5.12
C VAL A 29 2.63 32.16 -5.42
N THR A 30 2.65 30.91 -5.84
CA THR A 30 1.43 30.23 -6.31
C THR A 30 0.58 29.64 -5.20
N GLU A 31 1.15 29.45 -3.99
CA GLU A 31 0.52 28.77 -2.85
C GLU A 31 0.29 27.28 -3.14
N GLU A 32 1.00 26.72 -4.14
CA GLU A 32 0.92 25.28 -4.42
C GLU A 32 1.50 24.56 -3.23
N ALA A 33 0.86 23.46 -2.80
CA ALA A 33 1.32 22.67 -1.66
C ALA A 33 2.00 21.40 -2.14
N VAL A 34 3.19 21.10 -1.59
CA VAL A 34 3.96 19.90 -1.90
C VAL A 34 4.49 19.33 -0.59
N ALA A 35 4.78 18.03 -0.58
CA ALA A 35 5.40 17.37 0.58
C ALA A 35 6.89 17.29 0.31
N VAL A 36 7.72 17.68 1.29
CA VAL A 36 9.17 17.64 1.09
C VAL A 36 9.75 16.67 2.09
N LYS A 37 10.51 15.68 1.61
CA LYS A 37 11.16 14.71 2.49
C LYS A 37 12.59 15.22 2.75
N ILE A 38 12.91 15.55 4.02
CA ILE A 38 14.23 16.06 4.44
C ILE A 38 14.96 14.92 5.13
N VAL A 39 16.10 14.47 4.57
CA VAL A 39 16.89 13.36 5.13
C VAL A 39 18.28 13.90 5.47
N ASN A 50 20.82 4.13 0.22
CA ASN A 50 19.38 3.88 0.33
C ASN A 50 18.57 5.06 -0.23
N ILE A 51 18.98 6.31 0.11
CA ILE A 51 18.29 7.51 -0.39
C ILE A 51 18.53 7.66 -1.91
N LYS A 52 19.70 7.24 -2.43
CA LYS A 52 19.98 7.26 -3.88
C LYS A 52 19.04 6.28 -4.61
N LYS A 53 18.81 5.11 -4.01
CA LYS A 53 17.92 4.09 -4.57
C LYS A 53 16.47 4.60 -4.55
N GLU A 54 16.04 5.20 -3.41
CA GLU A 54 14.67 5.75 -3.27
C GLU A 54 14.41 6.82 -4.32
N ILE A 55 15.40 7.69 -4.58
CA ILE A 55 15.27 8.74 -5.60
C ILE A 55 15.22 8.08 -6.98
N CYS A 56 16.11 7.11 -7.24
CA CYS A 56 16.15 6.44 -8.54
C CYS A 56 14.84 5.71 -8.83
N ILE A 57 14.27 5.01 -7.85
CA ILE A 57 13.01 4.30 -8.06
C ILE A 57 11.92 5.33 -8.29
N ASN A 58 11.88 6.41 -7.48
CA ASN A 58 10.87 7.47 -7.62
C ASN A 58 10.87 8.15 -9.00
N LYS A 59 12.06 8.34 -9.59
CA LYS A 59 12.20 8.95 -10.93
C LYS A 59 11.57 8.08 -12.03
N MET A 60 11.41 6.76 -11.78
CA MET A 60 10.77 5.84 -12.72
C MET A 60 9.24 5.86 -12.65
N LEU A 61 8.64 6.44 -11.61
CA LEU A 61 7.20 6.30 -11.34
C LEU A 61 6.34 7.43 -11.88
N ASN A 62 5.21 7.05 -12.51
CA ASN A 62 4.23 7.98 -13.05
C ASN A 62 2.89 7.27 -13.14
N HIS A 63 2.10 7.37 -12.07
CA HIS A 63 0.78 6.75 -11.99
C HIS A 63 -0.10 7.49 -11.01
N GLU A 64 -1.40 7.57 -11.32
CA GLU A 64 -2.40 8.27 -10.51
C GLU A 64 -2.61 7.67 -9.11
N ASN A 65 -2.22 6.40 -8.85
CA ASN A 65 -2.32 5.81 -7.51
C ASN A 65 -0.93 5.62 -6.88
N VAL A 66 0.05 6.40 -7.32
CA VAL A 66 1.40 6.42 -6.77
C VAL A 66 1.72 7.88 -6.49
N VAL A 67 2.19 8.20 -5.26
CA VAL A 67 2.53 9.57 -4.90
C VAL A 67 3.58 10.10 -5.89
N LYS A 68 3.27 11.22 -6.56
CA LYS A 68 4.12 11.79 -7.58
C LYS A 68 5.46 12.31 -7.03
N PHE A 69 6.51 12.11 -7.81
CA PHE A 69 7.87 12.59 -7.49
C PHE A 69 8.15 13.76 -8.41
N TYR A 70 8.38 14.95 -7.84
CA TYR A 70 8.62 16.17 -8.63
C TYR A 70 10.11 16.47 -8.87
N GLY A 71 10.98 15.99 -7.99
CA GLY A 71 12.41 16.19 -8.13
C GLY A 71 13.14 16.16 -6.80
N HIS A 72 14.47 16.35 -6.83
CA HIS A 72 15.28 16.34 -5.62
C HIS A 72 16.38 17.41 -5.70
N ARG A 73 16.85 17.87 -4.53
CA ARG A 73 17.92 18.85 -4.40
C ARG A 73 18.79 18.49 -3.20
N ARG A 74 20.12 18.54 -3.36
CA ARG A 74 21.09 18.23 -2.30
C ARG A 74 21.85 19.49 -1.91
N GLU A 75 21.69 19.93 -0.65
CA GLU A 75 22.37 21.11 -0.10
C GLU A 75 23.24 20.63 1.07
N GLY A 76 24.52 20.42 0.79
CA GLY A 76 25.48 19.91 1.76
C GLY A 76 25.30 18.42 1.92
N ASN A 77 25.02 17.97 3.16
CA ASN A 77 24.80 16.55 3.48
C ASN A 77 23.29 16.23 3.60
N ILE A 78 22.40 17.24 3.43
CA ILE A 78 20.95 17.06 3.54
C ILE A 78 20.34 16.89 2.14
N GLN A 79 19.52 15.82 1.96
CA GLN A 79 18.80 15.52 0.71
C GLN A 79 17.35 15.96 0.86
N TYR A 80 16.83 16.71 -0.14
CA TYR A 80 15.45 17.21 -0.16
C TYR A 80 14.70 16.52 -1.29
N LEU A 81 13.63 15.77 -0.99
CA LEU A 81 12.82 15.12 -2.01
C LEU A 81 11.51 15.88 -2.10
N PHE A 82 11.15 16.35 -3.29
CA PHE A 82 9.90 17.11 -3.48
C PHE A 82 8.86 16.11 -3.98
N LEU A 83 7.79 15.94 -3.20
CA LEU A 83 6.75 14.94 -3.47
C LEU A 83 5.34 15.51 -3.44
N GLU A 84 4.42 14.80 -4.11
CA GLU A 84 3.00 15.15 -4.13
C GLU A 84 2.43 15.20 -2.70
N TYR A 85 1.71 16.25 -2.37
CA TYR A 85 1.07 16.42 -1.08
C TYR A 85 -0.32 15.79 -1.16
N CYS A 86 -0.62 14.93 -0.19
CA CYS A 86 -1.87 14.19 -0.12
C CYS A 86 -2.62 14.70 1.12
N SER A 87 -3.53 15.66 0.92
CA SER A 87 -4.20 16.37 2.04
C SER A 87 -5.18 15.51 2.86
N GLY A 88 -5.64 14.38 2.32
CA GLY A 88 -6.52 13.45 3.05
C GLY A 88 -5.80 12.65 4.13
N GLY A 89 -4.47 12.65 4.12
CA GLY A 89 -3.66 11.97 5.11
C GLY A 89 -3.56 10.47 4.90
N GLU A 90 -3.24 9.74 5.95
CA GLU A 90 -3.04 8.29 5.85
C GLU A 90 -4.34 7.53 5.84
N LEU A 91 -4.38 6.43 5.09
CA LEU A 91 -5.50 5.48 5.11
C LEU A 91 -5.69 4.95 6.53
N PHE A 92 -4.57 4.78 7.25
CA PHE A 92 -4.56 4.34 8.65
C PHE A 92 -5.56 5.12 9.53
N ASP A 93 -5.70 6.46 9.33
CA ASP A 93 -6.60 7.30 10.12
C ASP A 93 -8.09 7.22 9.67
N ARG A 94 -8.40 6.46 8.61
CA ARG A 94 -9.76 6.21 8.16
C ARG A 94 -10.26 4.89 8.69
N ILE A 95 -9.41 4.12 9.37
CA ILE A 95 -9.80 2.82 9.88
C ILE A 95 -10.21 3.00 11.31
N GLU A 96 -11.47 2.73 11.66
CA GLU A 96 -11.90 2.88 13.05
C GLU A 96 -11.45 1.64 13.85
N PRO A 97 -10.71 1.74 14.98
CA PRO A 97 -10.32 0.52 15.71
C PRO A 97 -11.49 -0.41 16.04
N ASP A 98 -11.28 -1.72 15.78
CA ASP A 98 -12.23 -2.82 16.01
CA ASP A 98 -12.21 -2.84 15.98
C ASP A 98 -13.48 -2.75 15.12
N ILE A 99 -13.62 -1.73 14.23
CA ILE A 99 -14.79 -1.60 13.34
C ILE A 99 -14.35 -1.67 11.86
N GLY A 100 -13.37 -0.88 11.47
CA GLY A 100 -12.93 -0.85 10.08
C GLY A 100 -13.54 0.37 9.43
N MET A 101 -14.22 0.19 8.30
CA MET A 101 -14.89 1.29 7.60
C MET A 101 -16.03 0.70 6.76
N PRO A 102 -16.92 1.50 6.15
CA PRO A 102 -17.98 0.91 5.30
C PRO A 102 -17.39 0.06 4.18
N GLU A 103 -17.97 -1.10 3.95
CA GLU A 103 -17.48 -2.03 2.91
C GLU A 103 -17.33 -1.36 1.52
N PRO A 104 -18.24 -0.46 1.09
CA PRO A 104 -18.09 0.18 -0.24
C PRO A 104 -16.85 1.07 -0.32
N ASP A 105 -16.50 1.76 0.79
CA ASP A 105 -15.28 2.57 0.85
C ASP A 105 -14.02 1.68 0.78
N ALA A 106 -14.05 0.57 1.54
CA ALA A 106 -12.92 -0.35 1.53
C ALA A 106 -12.74 -0.95 0.14
N GLN A 107 -13.83 -1.24 -0.56
CA GLN A 107 -13.72 -1.80 -1.92
C GLN A 107 -13.06 -0.79 -2.86
N ARG A 108 -13.48 0.47 -2.78
CA ARG A 108 -12.93 1.52 -3.64
C ARG A 108 -11.45 1.72 -3.35
N PHE A 109 -11.06 1.76 -2.07
CA PHE A 109 -9.63 1.85 -1.72
C PHE A 109 -8.87 0.65 -2.18
N PHE A 110 -9.47 -0.53 -2.07
CA PHE A 110 -8.81 -1.77 -2.54
C PHE A 110 -8.61 -1.75 -4.08
N HIS A 111 -9.63 -1.31 -4.84
CA HIS A 111 -9.48 -1.17 -6.29
C HIS A 111 -8.29 -0.23 -6.66
N GLN A 112 -8.17 0.88 -5.94
CA GLN A 112 -7.11 1.87 -6.19
C GLN A 112 -5.75 1.34 -5.83
N LEU A 113 -5.69 0.58 -4.73
CA LEU A 113 -4.46 -0.07 -4.28
C LEU A 113 -4.00 -1.10 -5.33
N MET A 114 -4.94 -1.90 -5.85
CA MET A 114 -4.60 -2.88 -6.92
C MET A 114 -4.12 -2.20 -8.16
N ALA A 115 -4.74 -1.06 -8.56
CA ALA A 115 -4.27 -0.30 -9.74
C ALA A 115 -2.80 0.15 -9.56
N GLY A 116 -2.47 0.64 -8.37
CA GLY A 116 -1.12 1.10 -8.08
C GLY A 116 -0.13 -0.06 -8.06
N VAL A 117 -0.50 -1.20 -7.45
CA VAL A 117 0.37 -2.37 -7.34
C VAL A 117 0.59 -3.01 -8.73
N VAL A 118 -0.46 -3.11 -9.55
CA VAL A 118 -0.35 -3.61 -10.95
CA VAL A 118 -0.28 -3.70 -10.90
C VAL A 118 0.68 -2.80 -11.71
N TYR A 119 0.59 -1.48 -11.55
CA TYR A 119 1.48 -0.55 -12.22
C TYR A 119 2.94 -0.81 -11.81
N LEU A 120 3.20 -0.83 -10.50
CA LEU A 120 4.57 -1.05 -9.99
C LEU A 120 5.10 -2.41 -10.48
N HIS A 121 4.32 -3.49 -10.31
CA HIS A 121 4.75 -4.82 -10.74
C HIS A 121 4.99 -4.87 -12.26
N GLY A 122 4.21 -4.11 -13.03
CA GLY A 122 4.38 -4.03 -14.49
C GLY A 122 5.69 -3.38 -14.91
N ILE A 123 6.25 -2.48 -14.09
CA ILE A 123 7.55 -1.85 -14.39
C ILE A 123 8.68 -2.52 -13.58
N GLY A 124 8.39 -3.65 -12.92
CA GLY A 124 9.39 -4.48 -12.25
C GLY A 124 9.80 -3.98 -10.88
N ILE A 125 8.95 -3.22 -10.22
CA ILE A 125 9.22 -2.68 -8.89
C ILE A 125 8.32 -3.36 -7.86
N THR A 126 8.90 -3.75 -6.70
CA THR A 126 8.14 -4.23 -5.56
C THR A 126 8.26 -3.18 -4.44
N HIS A 127 7.14 -2.88 -3.73
CA HIS A 127 7.10 -1.86 -2.68
C HIS A 127 7.75 -2.39 -1.40
N ARG A 128 7.36 -3.60 -0.98
CA ARG A 128 7.87 -4.37 0.15
C ARG A 128 7.41 -3.85 1.52
N ASP A 129 6.58 -2.80 1.61
CA ASP A 129 6.13 -2.35 2.91
C ASP A 129 4.75 -1.72 2.79
N ILE A 130 3.86 -2.40 2.08
CA ILE A 130 2.48 -1.92 1.93
C ILE A 130 1.78 -2.09 3.29
N LYS A 131 1.23 -0.99 3.79
CA LYS A 131 0.47 -0.96 5.03
C LYS A 131 -0.32 0.36 5.05
N PRO A 132 -1.36 0.52 5.90
CA PRO A 132 -2.19 1.73 5.82
C PRO A 132 -1.46 3.04 6.14
N GLU A 133 -0.33 2.97 6.85
CA GLU A 133 0.48 4.15 7.15
C GLU A 133 1.13 4.69 5.88
N ASN A 134 1.36 3.82 4.88
CA ASN A 134 2.04 4.16 3.61
C ASN A 134 1.07 4.37 2.45
N LEU A 135 -0.22 4.36 2.69
CA LEU A 135 -1.23 4.57 1.65
C LEU A 135 -1.90 5.88 1.98
N LEU A 136 -1.67 6.90 1.16
CA LEU A 136 -2.17 8.24 1.44
C LEU A 136 -3.35 8.56 0.59
N LEU A 137 -4.11 9.58 1.00
CA LEU A 137 -5.32 10.02 0.33
C LEU A 137 -5.20 11.46 -0.13
N ASP A 138 -5.57 11.72 -1.39
CA ASP A 138 -5.55 13.09 -1.91
C ASP A 138 -6.85 13.81 -1.46
N GLU A 139 -7.07 15.05 -1.91
CA GLU A 139 -8.25 15.86 -1.54
C GLU A 139 -9.61 15.21 -1.94
N ARG A 140 -9.62 14.28 -2.93
CA ARG A 140 -10.83 13.56 -3.36
C ARG A 140 -10.84 12.11 -2.84
N ASP A 141 -10.04 11.81 -1.78
CA ASP A 141 -9.93 10.49 -1.18
C ASP A 141 -9.44 9.45 -2.19
N ASN A 142 -8.61 9.86 -3.15
CA ASN A 142 -7.95 8.93 -4.07
C ASN A 142 -6.73 8.42 -3.36
N LEU A 143 -6.58 7.10 -3.37
CA LEU A 143 -5.50 6.41 -2.70
C LEU A 143 -4.22 6.47 -3.53
N LYS A 144 -3.11 6.77 -2.83
CA LYS A 144 -1.78 6.88 -3.41
C LYS A 144 -0.78 6.08 -2.59
N ILE A 145 -0.01 5.25 -3.25
CA ILE A 145 1.04 4.46 -2.63
C ILE A 145 2.22 5.38 -2.38
N SER A 146 2.73 5.39 -1.14
CA SER A 146 3.85 6.26 -0.76
CA SER A 146 3.80 6.25 -0.68
C SER A 146 4.97 5.49 -0.07
N ASP A 147 6.10 6.16 0.16
CA ASP A 147 7.32 5.68 0.81
C ASP A 147 7.96 4.51 0.06
N PHE A 148 8.87 4.85 -0.85
CA PHE A 148 9.60 3.88 -1.67
C PHE A 148 10.98 3.61 -1.12
N GLY A 149 11.17 3.86 0.19
CA GLY A 149 12.44 3.64 0.87
C GLY A 149 12.87 2.18 0.99
N LEU A 150 11.94 1.22 0.95
CA LEU A 150 12.26 -0.22 1.02
C LEU A 150 12.05 -0.91 -0.31
N ALA A 151 11.62 -0.15 -1.32
CA ALA A 151 11.30 -0.70 -2.62
C ALA A 151 12.54 -1.16 -3.37
N THR A 152 12.38 -2.09 -4.30
CA THR A 152 13.50 -2.59 -5.10
C THR A 152 13.01 -3.12 -6.43
N VAL A 153 13.95 -3.32 -7.32
CA VAL A 153 13.69 -3.85 -8.65
C VAL A 153 13.71 -5.37 -8.55
N PHE A 154 12.66 -6.04 -9.00
CA PHE A 154 12.61 -7.53 -9.00
C PHE A 154 12.61 -8.08 -10.42
N ARG A 155 12.41 -7.22 -11.43
CA ARG A 155 12.43 -7.65 -12.83
C ARG A 155 13.18 -6.61 -13.64
N TYR A 156 14.18 -7.05 -14.38
CA TYR A 156 15.00 -6.18 -15.20
C TYR A 156 15.37 -6.93 -16.46
N ASN A 157 15.22 -6.28 -17.63
CA ASN A 157 15.45 -6.92 -18.93
C ASN A 157 14.67 -8.22 -19.06
N ASN A 158 13.39 -8.18 -18.59
CA ASN A 158 12.42 -9.28 -18.60
CA ASN A 158 12.44 -9.30 -18.64
C ASN A 158 12.94 -10.54 -17.87
N ARG A 159 13.87 -10.37 -16.91
CA ARG A 159 14.38 -11.47 -16.10
CA ARG A 159 14.37 -11.46 -16.10
C ARG A 159 14.05 -11.19 -14.64
N GLU A 160 13.34 -12.11 -14.00
CA GLU A 160 12.96 -11.94 -12.61
C GLU A 160 14.10 -12.32 -11.71
N ARG A 161 14.26 -11.55 -10.64
CA ARG A 161 15.26 -11.91 -9.63
CA ARG A 161 15.25 -11.79 -9.60
CA ARG A 161 15.24 -11.77 -9.58
C ARG A 161 14.52 -12.21 -8.33
N LEU A 162 14.94 -13.29 -7.67
CA LEU A 162 14.28 -13.70 -6.44
C LEU A 162 14.82 -12.84 -5.34
N LEU A 163 14.00 -12.54 -4.36
CA LEU A 163 14.44 -11.73 -3.25
C LEU A 163 14.88 -12.62 -2.09
N ASN A 164 15.73 -12.10 -1.22
CA ASN A 164 16.16 -12.79 0.00
C ASN A 164 16.21 -11.87 1.25
N LYS A 165 16.23 -10.57 1.07
CA LYS A 165 16.33 -9.65 2.22
C LYS A 165 15.02 -9.62 3.01
N MET A 166 15.16 -9.48 4.34
CA MET A 166 14.04 -9.31 5.27
C MET A 166 13.65 -7.87 5.25
N CYS A 167 12.49 -7.56 4.65
CA CYS A 167 12.00 -6.18 4.54
C CYS A 167 10.51 -6.20 4.88
N GLY A 168 9.99 -5.10 5.36
CA GLY A 168 8.57 -5.02 5.67
C GLY A 168 8.27 -4.72 7.14
N THR A 169 7.03 -5.02 7.53
CA THR A 169 6.47 -4.80 8.89
C THR A 169 5.79 -6.11 9.25
N LEU A 170 6.19 -6.74 10.36
CA LEU A 170 5.78 -8.11 10.73
C LEU A 170 4.29 -8.44 10.56
N PRO A 171 3.34 -7.64 11.06
CA PRO A 171 1.93 -8.03 10.85
C PRO A 171 1.48 -8.10 9.38
N TYR A 172 2.20 -7.44 8.48
CA TYR A 172 1.87 -7.39 7.06
C TYR A 172 2.73 -8.30 6.19
N VAL A 173 3.80 -8.91 6.74
CA VAL A 173 4.72 -9.73 5.93
CA VAL A 173 4.73 -9.72 5.96
C VAL A 173 4.14 -11.09 5.60
N ALA A 174 4.49 -11.61 4.42
CA ALA A 174 4.03 -12.90 3.95
C ALA A 174 4.82 -13.98 4.68
N PRO A 175 4.23 -15.18 4.92
CA PRO A 175 4.95 -16.21 5.69
C PRO A 175 6.24 -16.71 5.05
N GLU A 176 6.33 -16.70 3.71
CA GLU A 176 7.53 -17.19 3.04
C GLU A 176 8.77 -16.33 3.42
N LEU A 177 8.61 -15.03 3.76
CA LEU A 177 9.72 -14.18 4.16
CA LEU A 177 9.75 -14.19 4.19
C LEU A 177 10.36 -14.71 5.47
N LEU A 178 9.55 -15.35 6.34
CA LEU A 178 10.06 -15.91 7.59
C LEU A 178 10.49 -17.40 7.45
N LYS A 179 10.07 -18.10 6.40
CA LYS A 179 10.34 -19.56 6.27
C LYS A 179 11.34 -19.93 5.20
N ARG A 180 11.52 -19.10 4.16
CA ARG A 180 12.32 -19.45 3.01
C ARG A 180 13.48 -18.52 2.83
N ARG A 181 14.59 -19.04 2.30
CA ARG A 181 15.80 -18.24 2.02
C ARG A 181 15.55 -17.29 0.85
N GLU A 182 14.82 -17.75 -0.18
CA GLU A 182 14.50 -16.95 -1.36
C GLU A 182 13.02 -17.03 -1.66
N PHE A 183 12.49 -15.99 -2.26
CA PHE A 183 11.07 -15.92 -2.57
C PHE A 183 10.78 -14.95 -3.71
N HIS A 184 9.66 -15.17 -4.39
CA HIS A 184 9.16 -14.30 -5.45
C HIS A 184 8.63 -12.99 -4.83
N ALA A 185 8.92 -11.85 -5.46
CA ALA A 185 8.49 -10.54 -4.95
C ALA A 185 6.98 -10.27 -5.01
N GLU A 186 6.33 -10.57 -6.13
CA GLU A 186 4.92 -10.19 -6.31
C GLU A 186 3.97 -10.81 -5.29
N PRO A 187 4.03 -12.11 -4.95
CA PRO A 187 3.09 -12.64 -3.95
C PRO A 187 3.25 -12.01 -2.58
N VAL A 188 4.43 -11.50 -2.26
CA VAL A 188 4.64 -10.83 -0.97
C VAL A 188 3.77 -9.55 -0.89
N ASP A 189 3.80 -8.75 -1.97
CA ASP A 189 3.00 -7.51 -2.02
C ASP A 189 1.49 -7.88 -2.03
N VAL A 190 1.11 -8.95 -2.72
CA VAL A 190 -0.30 -9.39 -2.74
C VAL A 190 -0.76 -9.73 -1.30
N TRP A 191 0.06 -10.46 -0.57
CA TRP A 191 -0.25 -10.81 0.83
C TRP A 191 -0.50 -9.55 1.67
N SER A 192 0.41 -8.57 1.61
CA SER A 192 0.26 -7.36 2.44
C SER A 192 -1.02 -6.60 2.07
N CYS A 193 -1.41 -6.65 0.79
CA CYS A 193 -2.69 -6.03 0.35
C CYS A 193 -3.87 -6.72 1.01
N GLY A 194 -3.79 -8.05 1.17
CA GLY A 194 -4.83 -8.80 1.88
C GLY A 194 -4.88 -8.44 3.36
N ILE A 195 -3.73 -8.15 4.00
CA ILE A 195 -3.78 -7.72 5.42
C ILE A 195 -4.37 -6.30 5.50
N VAL A 196 -4.06 -5.44 4.54
CA VAL A 196 -4.64 -4.09 4.49
C VAL A 196 -6.18 -4.23 4.34
N LEU A 197 -6.63 -5.13 3.45
CA LEU A 197 -8.07 -5.33 3.27
C LEU A 197 -8.73 -5.82 4.59
N THR A 198 -8.05 -6.70 5.32
CA THR A 198 -8.55 -7.22 6.61
C THR A 198 -8.73 -6.05 7.59
N ALA A 199 -7.70 -5.19 7.71
CA ALA A 199 -7.73 -4.02 8.61
C ALA A 199 -8.85 -3.05 8.21
N MET A 200 -9.06 -2.83 6.91
CA MET A 200 -10.14 -1.92 6.47
C MET A 200 -11.53 -2.46 6.84
N LEU A 201 -11.71 -3.79 6.74
CA LEU A 201 -13.00 -4.42 6.99
C LEU A 201 -13.26 -4.84 8.45
N ALA A 202 -12.22 -4.93 9.28
CA ALA A 202 -12.39 -5.36 10.69
C ALA A 202 -11.82 -4.39 11.72
N GLY A 203 -10.99 -3.42 11.30
CA GLY A 203 -10.37 -2.49 12.24
C GLY A 203 -9.37 -3.15 13.18
N GLU A 204 -8.81 -4.28 12.76
CA GLU A 204 -7.83 -5.01 13.57
C GLU A 204 -6.97 -5.87 12.68
N LEU A 205 -5.74 -6.12 13.12
CA LEU A 205 -4.82 -6.96 12.38
C LEU A 205 -5.00 -8.39 12.87
N PRO A 206 -4.94 -9.39 11.99
CA PRO A 206 -5.24 -10.76 12.42
C PRO A 206 -4.16 -11.42 13.27
N TRP A 207 -2.88 -11.09 13.08
CA TRP A 207 -1.81 -11.71 13.90
C TRP A 207 -0.61 -10.79 14.01
N ASP A 208 0.23 -11.02 15.02
CA ASP A 208 1.49 -10.26 15.19
C ASP A 208 2.44 -10.59 14.06
N GLN A 209 2.42 -11.86 13.59
CA GLN A 209 3.23 -12.31 12.44
C GLN A 209 2.70 -13.65 11.91
N PRO A 210 2.92 -14.00 10.62
CA PRO A 210 2.34 -15.26 10.11
C PRO A 210 3.24 -16.46 10.35
N SER A 211 3.29 -16.90 11.62
CA SER A 211 4.10 -18.06 12.02
CA SER A 211 4.10 -18.05 12.04
C SER A 211 3.22 -19.08 12.72
N ASP A 212 3.57 -20.36 12.65
CA ASP A 212 2.80 -21.42 13.33
C ASP A 212 2.79 -21.24 14.87
N SER A 213 3.78 -20.53 15.44
CA SER A 213 3.83 -20.23 16.88
C SER A 213 2.73 -19.22 17.28
N CYS A 214 2.18 -18.47 16.28
CA CYS A 214 1.12 -17.51 16.52
CA CYS A 214 1.11 -17.48 16.45
C CYS A 214 -0.24 -18.21 16.42
N GLN A 215 -0.95 -18.31 17.57
CA GLN A 215 -2.25 -18.99 17.67
C GLN A 215 -3.25 -18.47 16.63
N GLU A 216 -3.29 -17.14 16.43
CA GLU A 216 -4.23 -16.51 15.48
C GLU A 216 -3.96 -16.99 14.05
N TYR A 217 -2.67 -17.14 13.72
CA TYR A 217 -2.30 -17.59 12.38
C TYR A 217 -2.67 -19.07 12.20
N SER A 218 -2.42 -19.92 13.21
CA SER A 218 -2.83 -21.34 13.16
C SER A 218 -4.36 -21.49 13.06
N ASP A 219 -5.11 -20.64 13.78
CA ASP A 219 -6.59 -20.66 13.75
C ASP A 219 -7.11 -20.35 12.32
N TRP A 220 -6.44 -19.41 11.64
CA TRP A 220 -6.79 -19.05 10.26
C TRP A 220 -6.50 -20.22 9.30
N LYS A 221 -5.37 -20.91 9.46
CA LYS A 221 -5.04 -22.06 8.60
C LYS A 221 -6.02 -23.24 8.88
N GLU A 222 -6.58 -23.32 10.08
CA GLU A 222 -7.60 -24.30 10.47
C GLU A 222 -9.04 -23.83 10.10
N LYS A 223 -9.18 -22.69 9.39
CA LYS A 223 -10.42 -22.10 8.88
C LYS A 223 -11.44 -21.77 9.99
N LYS A 224 -10.94 -21.31 11.13
CA LYS A 224 -11.82 -20.92 12.25
C LYS A 224 -12.26 -19.47 12.03
N THR A 225 -13.13 -19.25 11.03
CA THR A 225 -13.58 -17.91 10.62
C THR A 225 -14.78 -17.42 11.47
N TYR A 226 -15.21 -18.21 12.46
CA TYR A 226 -16.20 -17.84 13.47
C TYR A 226 -15.53 -16.96 14.55
N LEU A 227 -14.17 -16.77 14.49
CA LEU A 227 -13.42 -15.92 15.41
C LEU A 227 -13.12 -14.57 14.77
N ASN A 228 -12.78 -13.58 15.59
CA ASN A 228 -12.35 -12.27 15.09
C ASN A 228 -10.94 -12.42 14.51
N PRO A 229 -10.57 -11.67 13.47
CA PRO A 229 -11.33 -10.58 12.83
C PRO A 229 -12.34 -11.05 11.78
N TRP A 230 -12.27 -12.34 11.40
CA TRP A 230 -12.98 -12.93 10.24
C TRP A 230 -14.52 -12.88 10.41
N LYS A 231 -15.02 -13.04 11.64
CA LYS A 231 -16.46 -13.00 11.93
C LYS A 231 -17.10 -11.67 11.60
N LYS A 232 -16.31 -10.59 11.54
CA LYS A 232 -16.81 -9.27 11.25
C LYS A 232 -16.88 -9.00 9.75
N ILE A 233 -16.36 -9.91 8.92
CA ILE A 233 -16.23 -9.70 7.48
C ILE A 233 -17.26 -10.51 6.74
N ASP A 234 -17.94 -9.85 5.80
CA ASP A 234 -18.99 -10.50 5.01
C ASP A 234 -18.39 -11.62 4.19
N SER A 235 -19.19 -12.63 3.89
CA SER A 235 -18.72 -13.83 3.18
C SER A 235 -18.06 -13.54 1.81
N ALA A 236 -18.56 -12.58 1.03
CA ALA A 236 -17.96 -12.28 -0.29
C ALA A 236 -16.51 -11.70 -0.13
N PRO A 237 -16.21 -10.63 0.65
CA PRO A 237 -14.81 -10.24 0.83
C PRO A 237 -14.01 -11.29 1.59
N LEU A 238 -14.65 -12.07 2.48
CA LEU A 238 -13.93 -13.13 3.20
C LEU A 238 -13.46 -14.22 2.23
N ALA A 239 -14.26 -14.52 1.19
CA ALA A 239 -13.88 -15.53 0.18
C ALA A 239 -12.65 -15.06 -0.60
N LEU A 240 -12.54 -13.74 -0.80
CA LEU A 240 -11.35 -13.17 -1.43
C LEU A 240 -10.13 -13.31 -0.50
N LEU A 241 -10.31 -12.98 0.78
CA LEU A 241 -9.22 -13.12 1.73
C LEU A 241 -8.74 -14.57 1.87
N HIS A 242 -9.65 -15.54 1.74
CA HIS A 242 -9.26 -16.95 1.73
C HIS A 242 -8.33 -17.27 0.58
N LYS A 243 -8.42 -16.52 -0.55
CA LYS A 243 -7.55 -16.74 -1.74
C LYS A 243 -6.22 -15.96 -1.66
N ILE A 244 -6.21 -14.81 -0.97
CA ILE A 244 -5.01 -14.01 -0.79
C ILE A 244 -4.15 -14.55 0.33
N LEU A 245 -4.72 -14.80 1.51
CA LEU A 245 -3.91 -15.20 2.67
C LEU A 245 -3.68 -16.73 2.71
N VAL A 246 -3.09 -17.21 1.63
CA VAL A 246 -2.74 -18.61 1.38
C VAL A 246 -1.25 -18.71 1.68
N GLU A 247 -0.88 -19.64 2.53
CA GLU A 247 0.53 -19.77 2.98
C GLU A 247 1.53 -20.03 1.84
N ASN A 248 1.20 -20.98 0.98
CA ASN A 248 2.04 -21.32 -0.17
C ASN A 248 1.96 -20.15 -1.19
N PRO A 249 3.06 -19.39 -1.43
CA PRO A 249 2.97 -18.28 -2.38
C PRO A 249 2.70 -18.70 -3.82
N SER A 250 3.03 -19.95 -4.20
CA SER A 250 2.78 -20.46 -5.56
C SER A 250 1.29 -20.78 -5.77
N ALA A 251 0.54 -21.03 -4.70
CA ALA A 251 -0.91 -21.28 -4.73
C ALA A 251 -1.71 -20.01 -4.49
N ARG A 252 -1.06 -18.95 -4.03
CA ARG A 252 -1.72 -17.68 -3.68
C ARG A 252 -2.28 -17.02 -4.95
N ILE A 253 -3.45 -16.40 -4.81
CA ILE A 253 -4.07 -15.74 -5.95
C ILE A 253 -3.17 -14.63 -6.51
N THR A 254 -3.20 -14.43 -7.82
CA THR A 254 -2.41 -13.38 -8.47
C THR A 254 -3.30 -12.19 -8.66
N ILE A 255 -2.74 -11.04 -9.00
CA ILE A 255 -3.59 -9.85 -9.17
C ILE A 255 -4.53 -10.01 -10.38
N PRO A 256 -4.13 -10.53 -11.56
CA PRO A 256 -5.14 -10.70 -12.63
C PRO A 256 -6.38 -11.52 -12.17
N ASP A 257 -6.20 -12.50 -11.28
CA ASP A 257 -7.29 -13.32 -10.74
C ASP A 257 -8.05 -12.59 -9.61
N ILE A 258 -7.39 -11.72 -8.85
CA ILE A 258 -8.10 -10.86 -7.88
C ILE A 258 -9.11 -9.99 -8.64
N LYS A 259 -8.68 -9.46 -9.80
CA LYS A 259 -9.53 -8.62 -10.68
C LYS A 259 -10.77 -9.35 -11.22
N LYS A 260 -10.77 -10.69 -11.21
CA LYS A 260 -11.92 -11.53 -11.61
C LYS A 260 -12.76 -12.01 -10.39
N ASP A 261 -12.36 -11.65 -9.17
CA ASP A 261 -13.03 -12.09 -7.97
C ASP A 261 -14.43 -11.51 -7.90
N ARG A 262 -15.35 -12.29 -7.32
CA ARG A 262 -16.75 -11.90 -7.21
C ARG A 262 -16.93 -10.62 -6.38
N TRP A 263 -16.33 -10.55 -5.19
CA TRP A 263 -16.48 -9.36 -4.35
C TRP A 263 -15.81 -8.13 -5.02
N TYR A 264 -14.64 -8.33 -5.61
CA TYR A 264 -13.94 -7.27 -6.29
C TYR A 264 -14.83 -6.61 -7.35
N ASN A 265 -15.67 -7.39 -8.02
CA ASN A 265 -16.55 -6.91 -9.09
C ASN A 265 -17.98 -6.63 -8.61
N LYS A 266 -18.27 -6.68 -7.30
CA LYS A 266 -19.63 -6.49 -6.82
C LYS A 266 -19.98 -5.00 -6.78
N PRO A 267 -21.13 -4.58 -7.33
CA PRO A 267 -21.50 -3.15 -7.22
C PRO A 267 -21.91 -2.84 -5.78
N LEU A 268 -21.22 -1.87 -5.19
CA LEU A 268 -21.44 -1.45 -3.80
C LEU A 268 -21.47 0.06 -3.64
N LYS A 269 -20.46 0.76 -4.21
CA LYS A 269 -20.17 2.16 -3.96
C LYS A 269 -20.74 3.08 -5.02
N LYS A 270 -21.58 4.03 -4.56
CA LYS A 270 -22.13 5.07 -5.43
C LYS A 270 -21.01 6.07 -5.71
N GLY A 271 -21.06 6.74 -6.85
CA GLY A 271 -20.07 7.76 -7.20
C GLY A 271 -20.08 8.93 -6.23
N ALA A 272 -19.12 9.86 -6.35
CA ALA A 272 -19.05 11.02 -5.44
C ALA A 272 -20.34 11.85 -5.53
N LYS A 273 -20.83 12.35 -4.38
CA LYS A 273 -22.08 13.13 -4.34
C LYS A 273 -21.93 14.43 -5.16
N ARG A 274 -22.68 14.52 -6.27
CA ARG A 274 -22.64 15.67 -7.19
C ARG A 274 -23.77 16.67 -6.85
N PRO A 275 -23.60 18.00 -7.03
CA PRO A 275 -24.69 18.93 -6.67
C PRO A 275 -25.93 18.74 -7.54
N ARG A 276 -27.14 18.87 -6.95
CA ARG A 276 -28.40 18.68 -7.67
C ARG A 276 -29.55 19.48 -7.06
N VAL A 277 -30.56 19.82 -7.88
CA VAL A 277 -31.76 20.56 -7.45
C VAL A 277 -33.01 19.82 -7.95
N THR A 278 -34.14 20.08 -7.28
CA THR A 278 -35.43 19.47 -7.59
C THR A 278 -36.36 20.51 -8.20
N SER A 279 -37.27 20.06 -9.10
CA SER A 279 -38.27 20.86 -9.81
C SER A 279 -37.65 22.05 -10.53
O1 1HK B . 9.60 7.85 -1.24
C1 1HK B . 8.62 8.58 -0.66
C18 1HK B . 7.47 8.91 -1.39
O2 1HK B . 7.47 8.43 -2.68
C19 1HK B . 6.34 8.68 -3.50
C17 1HK B . 6.45 9.63 -0.78
C4 1HK B . 6.55 10.02 0.56
C3 1HK B . 7.68 9.63 1.29
C2 1HK B . 8.71 8.95 0.68
C5 1HK B . 5.63 10.99 1.19
C6 1HK B . 4.76 11.80 0.60
C7 1HK B . 3.69 12.50 1.20
C9 1HK B . 3.25 12.48 2.55
C10 1HK B . 3.47 11.95 3.90
C11 1HK B . 2.24 12.35 4.65
C16 1HK B . 1.45 13.21 3.88
C8 1HK B . 2.08 13.29 2.57
N2 1HK B . 1.82 13.79 1.37
N1 1HK B . 2.81 13.31 0.54
C15 1HK B . 0.28 13.75 4.40
C14 1HK B . -0.13 13.39 5.69
C13 1HK B . 0.63 12.52 6.44
C12 1HK B . 1.81 12.00 5.93
H2 1HK B . 9.33 7.60 -2.16
H192 1HK B . 6.17 9.74 -3.68
H191 1HK B . 6.59 8.18 -4.43
H193 1HK B . 5.44 8.21 -3.09
H13 1HK B . 5.55 9.91 -1.32
H4 1HK B . 7.76 9.88 2.34
H3 1HK B . 9.58 8.69 1.28
H5 1HK B . 5.71 10.99 2.27
H6 1HK B . 4.83 12.00 -0.48
H7 1HK B . 4.37 12.36 4.37
H8 1HK B . 3.61 10.87 3.91
H1 1HK B . 2.81 13.56 -0.44
H12 1HK B . -0.30 14.46 3.82
H11 1HK B . -1.05 13.81 6.09
H10 1HK B . 0.30 12.23 7.43
H9 1HK B . 2.43 11.32 6.52
S SO4 C . 17.53 -5.79 -2.44
O1 SO4 C . 17.23 -4.77 -1.39
O2 SO4 C . 17.30 -5.25 -3.76
O3 SO4 C . 18.95 -6.21 -2.35
O4 SO4 C . 16.69 -6.96 -2.23
C1 GOL D . -5.57 -21.02 3.79
O1 GOL D . -5.35 -21.80 2.60
C2 GOL D . -7.05 -20.70 3.96
O2 GOL D . -7.35 -19.55 3.15
C3 GOL D . -7.25 -20.47 5.44
O3 GOL D . -8.62 -20.15 5.81
C1 IPA E . -4.32 -1.18 13.25
C2 IPA E . -5.17 -0.96 11.99
C3 IPA E . -6.21 -2.04 12.00
O2 IPA E . -4.33 -1.02 10.80
C1 IPA F . 4.03 -24.12 2.59
C2 IPA F . 3.90 -24.40 1.10
C3 IPA F . 3.78 -25.90 0.75
O2 IPA F . 4.91 -23.73 0.30
C1 GOL G . -12.08 2.21 -9.91
O1 GOL G . -11.77 2.81 -11.22
C2 GOL G . -12.28 3.31 -8.85
O2 GOL G . -11.10 4.11 -8.76
C3 GOL G . -12.60 2.74 -7.45
O3 GOL G . -13.73 1.83 -7.38
#